data_3N49
#
_entry.id   3N49
#
_cell.length_a   111.229
_cell.length_b   111.229
_cell.length_c   78.339
_cell.angle_alpha   90.000
_cell.angle_beta   90.000
_cell.angle_gamma   90.000
#
_symmetry.space_group_name_H-M   'P 41 21 2'
#
loop_
_entity.id
_entity.type
_entity.pdbx_description
1 polymer 'FARNESYL PYROPHOSPHATE SYNTHASE'
2 non-polymer 'naphtho[2,1-b]thiophen-1-ylacetic acid'
3 non-polymer 'PHOSPHATE ION'
4 water water
#
_entity_poly.entity_id   1
_entity_poly.type   'polypeptide(L)'
_entity_poly.pdbx_seq_one_letter_code
;GPNSDVYAQEKQDFVQHFSQIVRVLTEDEMGHPEIGDAIARLKEVLEYNAIGGKYNRGLTVVVAFRELVEPRKQDADSLQ
RAWTVGWCVELLQAFFLVADDIMDSSLTRRGQICWYQKPGVGLDAINDANLLEACIYRLLKLYCREQPYYLNLIELFLQS
SYQTEIGQTLDLLTAPQGNVDLVRFTEKRYKSIVKYKTAFYSFYLPIAAAMYMAGIDGEKEHANAKKILLEMGEFFQIQD
DYLDLFGDPSVTGKIGTDIQDNKCSWLVVQCLQRATPEQYQILKENYGQKEAEKVARVKALYEELDLPAVFLQYEEDSYS
HIMALIEQYAAPLPPAVFLGLARKIYKRRK
;
_entity_poly.pdbx_strand_id   F
#
loop_
_chem_comp.id
_chem_comp.type
_chem_comp.name
_chem_comp.formula
3N4 non-polymer 'naphtho[2,1-b]thiophen-1-ylacetic acid' 'C14 H10 O2 S'
PO4 non-polymer 'PHOSPHATE ION' 'O4 P -3'
#
# COMPACT_ATOMS: atom_id res chain seq x y z
N ASP A 5 2.53 22.18 -0.73
CA ASP A 5 3.49 21.41 0.14
C ASP A 5 4.42 20.54 -0.70
N VAL A 6 5.37 19.89 -0.02
CA VAL A 6 6.35 19.01 -0.68
C VAL A 6 5.68 18.04 -1.65
N TYR A 7 4.56 17.47 -1.22
CA TYR A 7 3.81 16.54 -2.04
C TYR A 7 2.85 17.27 -2.96
N ALA A 8 2.01 18.13 -2.38
CA ALA A 8 1.02 18.87 -3.15
C ALA A 8 1.58 19.55 -4.38
N GLN A 9 2.81 20.06 -4.29
CA GLN A 9 3.42 20.74 -5.42
C GLN A 9 4.02 19.77 -6.41
N GLU A 10 4.65 18.73 -5.87
CA GLU A 10 5.28 17.71 -6.69
C GLU A 10 4.25 16.77 -7.33
N LYS A 11 3.11 16.60 -6.66
CA LYS A 11 2.07 15.72 -7.16
C LYS A 11 1.64 16.06 -8.58
N GLN A 12 1.79 17.32 -8.95
CA GLN A 12 1.39 17.75 -10.27
C GLN A 12 2.30 17.19 -11.35
N ASP A 13 3.60 17.36 -11.18
CA ASP A 13 4.57 16.87 -12.17
C ASP A 13 4.56 15.35 -12.27
N PHE A 14 4.25 14.70 -11.15
CA PHE A 14 4.20 13.25 -11.08
C PHE A 14 3.00 12.72 -11.88
N VAL A 15 1.81 13.21 -11.55
CA VAL A 15 0.62 12.76 -12.25
C VAL A 15 0.67 13.07 -13.75
N GLN A 16 1.24 14.19 -14.13
CA GLN A 16 1.32 14.52 -15.55
C GLN A 16 2.26 13.63 -16.33
N HIS A 17 3.25 13.06 -15.64
CA HIS A 17 4.20 12.17 -16.32
C HIS A 17 3.50 10.89 -16.77
N PHE A 18 2.33 10.62 -16.20
CA PHE A 18 1.61 9.41 -16.55
C PHE A 18 1.37 9.30 -18.05
N SER A 19 1.05 10.42 -18.69
CA SER A 19 0.82 10.42 -20.15
C SER A 19 2.04 9.89 -20.89
N GLN A 20 3.22 10.23 -20.40
CA GLN A 20 4.43 9.75 -21.07
C GLN A 20 4.60 8.25 -20.78
N ILE A 21 4.29 7.86 -19.55
CA ILE A 21 4.39 6.46 -19.11
C ILE A 21 3.53 5.62 -20.04
N VAL A 22 2.26 6.00 -20.19
CA VAL A 22 1.35 5.27 -21.04
C VAL A 22 1.79 5.26 -22.50
N ARG A 23 2.30 6.39 -22.96
CA ARG A 23 2.77 6.50 -24.34
C ARG A 23 3.90 5.50 -24.55
N VAL A 24 4.92 5.57 -23.71
CA VAL A 24 6.06 4.69 -23.83
C VAL A 24 5.70 3.20 -23.76
N LEU A 25 4.67 2.85 -22.99
CA LEU A 25 4.26 1.46 -22.86
C LEU A 25 3.43 1.02 -24.05
N THR A 26 2.60 1.92 -24.56
CA THR A 26 1.75 1.57 -25.69
C THR A 26 2.50 1.82 -27.00
N GLU A 27 3.82 1.88 -26.90
CA GLU A 27 4.63 2.11 -28.09
C GLU A 27 5.21 0.79 -28.60
N ASP A 28 4.64 -0.32 -28.16
CA ASP A 28 5.11 -1.64 -28.58
C ASP A 28 4.41 -2.05 -29.88
N GLU A 29 3.25 -1.45 -30.12
CA GLU A 29 2.45 -1.73 -31.32
C GLU A 29 3.11 -1.05 -32.52
N MET A 30 4.14 -0.26 -32.24
CA MET A 30 4.88 0.45 -33.29
C MET A 30 5.32 -0.54 -34.36
N GLY A 31 6.36 -1.31 -34.04
CA GLY A 31 6.88 -2.28 -34.99
C GLY A 31 6.17 -3.61 -34.95
N HIS A 32 4.98 -3.63 -34.34
CA HIS A 32 4.19 -4.86 -34.21
C HIS A 32 2.69 -4.57 -34.19
N PRO A 33 2.14 -4.11 -35.33
CA PRO A 33 0.71 -3.79 -35.47
C PRO A 33 -0.17 -5.00 -35.18
N GLU A 34 0.44 -6.19 -35.19
CA GLU A 34 -0.25 -7.45 -34.94
C GLU A 34 -0.88 -7.50 -33.54
N ILE A 35 -0.17 -6.95 -32.56
CA ILE A 35 -0.64 -6.94 -31.19
C ILE A 35 -1.31 -5.62 -30.83
N GLY A 36 -1.69 -4.85 -31.84
CA GLY A 36 -2.34 -3.57 -31.61
C GLY A 36 -3.55 -3.61 -30.68
N ASP A 37 -4.47 -4.53 -30.94
CA ASP A 37 -5.66 -4.64 -30.12
C ASP A 37 -5.31 -4.97 -28.67
N ALA A 38 -4.24 -5.74 -28.47
CA ALA A 38 -3.81 -6.09 -27.13
C ALA A 38 -3.26 -4.84 -26.42
N ILE A 39 -2.45 -4.06 -27.15
CA ILE A 39 -1.86 -2.82 -26.62
C ILE A 39 -2.94 -1.79 -26.27
N ALA A 40 -4.03 -1.77 -27.03
CA ALA A 40 -5.10 -0.83 -26.76
C ALA A 40 -5.79 -1.28 -25.46
N ARG A 41 -6.04 -2.58 -25.33
CA ARG A 41 -6.64 -3.11 -24.12
C ARG A 41 -5.71 -2.74 -22.94
N LEU A 42 -4.41 -2.92 -23.11
CA LEU A 42 -3.46 -2.57 -22.08
C LEU A 42 -3.60 -1.11 -21.66
N LYS A 43 -3.74 -0.22 -22.63
CA LYS A 43 -3.88 1.22 -22.35
C LYS A 43 -5.15 1.52 -21.54
N GLU A 44 -6.19 0.75 -21.79
CA GLU A 44 -7.45 0.94 -21.08
C GLU A 44 -7.25 0.45 -19.63
N VAL A 45 -6.55 -0.67 -19.47
CA VAL A 45 -6.25 -1.26 -18.17
C VAL A 45 -5.46 -0.25 -17.31
N LEU A 46 -4.43 0.34 -17.88
CA LEU A 46 -3.58 1.32 -17.21
C LEU A 46 -4.32 2.59 -16.79
N GLU A 47 -5.01 3.19 -17.75
CA GLU A 47 -5.72 4.43 -17.48
C GLU A 47 -6.87 4.30 -16.51
N TYR A 48 -7.40 3.09 -16.36
CA TYR A 48 -8.50 2.91 -15.44
C TYR A 48 -8.02 2.53 -14.02
N ASN A 49 -6.99 1.70 -13.94
CA ASN A 49 -6.51 1.21 -12.66
C ASN A 49 -5.34 1.91 -11.98
N ALA A 50 -4.51 2.63 -12.75
CA ALA A 50 -3.37 3.32 -12.18
C ALA A 50 -3.67 4.77 -11.81
N ILE A 51 -4.78 5.30 -12.34
CA ILE A 51 -5.20 6.66 -12.07
C ILE A 51 -6.43 6.65 -11.16
N GLY A 52 -6.51 7.60 -10.23
CA GLY A 52 -7.68 7.65 -9.35
C GLY A 52 -7.42 7.53 -7.86
N GLY A 53 -6.18 7.27 -7.47
CA GLY A 53 -5.83 7.15 -6.06
C GLY A 53 -5.16 8.43 -5.62
N LYS A 54 -4.34 8.38 -4.58
CA LYS A 54 -3.65 9.58 -4.10
C LYS A 54 -2.20 9.63 -4.54
N TYR A 55 -1.71 8.50 -5.04
CA TYR A 55 -0.34 8.40 -5.54
C TYR A 55 0.73 8.70 -4.50
N ASN A 56 0.42 8.49 -3.23
CA ASN A 56 1.39 8.77 -2.19
C ASN A 56 2.64 7.91 -2.25
N ARG A 57 2.48 6.62 -2.48
CA ARG A 57 3.63 5.74 -2.54
C ARG A 57 4.56 6.11 -3.69
N GLY A 58 4.00 6.36 -4.87
CA GLY A 58 4.82 6.72 -6.00
C GLY A 58 5.47 8.06 -5.75
N LEU A 59 4.69 8.98 -5.22
CA LEU A 59 5.17 10.30 -4.90
C LEU A 59 6.32 10.24 -3.89
N THR A 60 6.23 9.30 -2.95
CA THR A 60 7.25 9.14 -1.93
C THR A 60 8.58 8.77 -2.55
N VAL A 61 8.54 8.20 -3.75
CA VAL A 61 9.78 7.83 -4.42
C VAL A 61 10.46 9.13 -4.88
N VAL A 62 9.71 9.98 -5.56
CA VAL A 62 10.22 11.26 -6.06
C VAL A 62 10.72 12.18 -4.94
N VAL A 63 9.89 12.35 -3.92
CA VAL A 63 10.25 13.17 -2.77
C VAL A 63 11.52 12.67 -2.12
N ALA A 64 11.60 11.37 -1.85
CA ALA A 64 12.79 10.84 -1.20
C ALA A 64 14.03 11.01 -2.09
N PHE A 65 13.83 10.96 -3.39
CA PHE A 65 14.93 11.11 -4.34
C PHE A 65 15.56 12.50 -4.25
N ARG A 66 14.74 13.53 -4.21
CA ARG A 66 15.27 14.88 -4.11
C ARG A 66 16.03 15.09 -2.83
N GLU A 67 15.64 14.39 -1.77
CA GLU A 67 16.31 14.56 -0.49
C GLU A 67 17.54 13.68 -0.31
N LEU A 68 17.75 12.72 -1.20
CA LEU A 68 18.89 11.82 -1.09
C LEU A 68 19.98 12.08 -2.14
N VAL A 69 19.59 12.63 -3.29
CA VAL A 69 20.54 12.91 -4.34
C VAL A 69 20.87 14.39 -4.39
N GLU A 70 22.16 14.70 -4.47
CA GLU A 70 22.63 16.09 -4.51
C GLU A 70 21.97 16.86 -5.64
N PRO A 71 21.66 18.13 -5.39
CA PRO A 71 21.02 19.04 -6.35
C PRO A 71 21.60 19.04 -7.76
N ARG A 72 22.92 18.95 -7.88
CA ARG A 72 23.54 18.96 -9.20
C ARG A 72 23.32 17.65 -9.95
N LYS A 73 23.29 16.54 -9.22
CA LYS A 73 23.09 15.24 -9.82
C LYS A 73 21.61 14.99 -10.11
N GLN A 74 20.82 16.06 -10.10
CA GLN A 74 19.39 15.95 -10.37
C GLN A 74 19.04 16.57 -11.71
N ASP A 75 19.66 16.08 -12.78
CA ASP A 75 19.40 16.59 -14.12
C ASP A 75 18.00 16.16 -14.58
N ALA A 76 17.62 16.57 -15.78
CA ALA A 76 16.30 16.24 -16.30
C ALA A 76 16.09 14.73 -16.46
N ASP A 77 17.14 14.02 -16.84
CA ASP A 77 17.02 12.58 -17.01
C ASP A 77 16.89 11.85 -15.67
N SER A 78 17.57 12.33 -14.64
CA SER A 78 17.48 11.70 -13.33
C SER A 78 16.09 11.83 -12.73
N LEU A 79 15.47 13.00 -12.92
CA LEU A 79 14.14 13.24 -12.40
C LEU A 79 13.13 12.46 -13.23
N GLN A 80 13.46 12.24 -14.49
CA GLN A 80 12.60 11.50 -15.40
C GLN A 80 12.52 10.05 -14.91
N ARG A 81 13.69 9.51 -14.56
CA ARG A 81 13.79 8.15 -14.06
C ARG A 81 13.08 8.01 -12.71
N ALA A 82 13.21 9.03 -11.86
CA ALA A 82 12.57 9.02 -10.56
C ALA A 82 11.05 9.01 -10.69
N TRP A 83 10.51 9.73 -11.68
CA TRP A 83 9.07 9.75 -11.88
C TRP A 83 8.60 8.39 -12.35
N THR A 84 9.40 7.75 -13.20
CA THR A 84 9.05 6.45 -13.73
C THR A 84 9.04 5.40 -12.62
N VAL A 85 10.09 5.36 -11.81
CA VAL A 85 10.16 4.38 -10.72
C VAL A 85 8.99 4.63 -9.77
N GLY A 86 8.69 5.89 -9.52
CA GLY A 86 7.57 6.20 -8.66
C GLY A 86 6.33 5.60 -9.29
N TRP A 87 6.18 5.75 -10.61
CA TRP A 87 5.00 5.18 -11.26
C TRP A 87 5.01 3.65 -11.24
N CYS A 88 6.19 3.04 -11.27
CA CYS A 88 6.26 1.59 -11.20
C CYS A 88 5.66 1.12 -9.88
N VAL A 89 5.86 1.89 -8.82
CA VAL A 89 5.34 1.58 -7.51
C VAL A 89 3.82 1.61 -7.57
N GLU A 90 3.27 2.66 -8.19
CA GLU A 90 1.82 2.76 -8.32
C GLU A 90 1.29 1.57 -9.14
N LEU A 91 2.04 1.16 -10.16
CA LEU A 91 1.66 0.02 -11.01
C LEU A 91 1.63 -1.27 -10.20
N LEU A 92 2.65 -1.44 -9.36
CA LEU A 92 2.69 -2.61 -8.50
C LEU A 92 1.42 -2.61 -7.63
N GLN A 93 1.05 -1.44 -7.10
CA GLN A 93 -0.16 -1.38 -6.28
C GLN A 93 -1.44 -1.66 -7.09
N ALA A 94 -1.49 -1.14 -8.33
CA ALA A 94 -2.67 -1.35 -9.16
C ALA A 94 -2.82 -2.84 -9.42
N PHE A 95 -1.69 -3.50 -9.64
CA PHE A 95 -1.65 -4.94 -9.87
C PHE A 95 -2.29 -5.67 -8.68
N PHE A 96 -1.91 -5.32 -7.45
CA PHE A 96 -2.47 -5.95 -6.25
C PHE A 96 -3.95 -5.66 -6.06
N LEU A 97 -4.34 -4.40 -6.23
CA LEU A 97 -5.72 -3.99 -6.03
C LEU A 97 -6.70 -4.66 -6.98
N VAL A 98 -6.33 -4.70 -8.25
CA VAL A 98 -7.17 -5.33 -9.26
C VAL A 98 -7.37 -6.80 -8.91
N ALA A 99 -6.27 -7.46 -8.58
CA ALA A 99 -6.37 -8.86 -8.21
C ALA A 99 -7.09 -9.07 -6.88
N ASP A 100 -6.86 -8.19 -5.91
CA ASP A 100 -7.53 -8.32 -4.60
C ASP A 100 -9.03 -8.07 -4.63
N ASP A 101 -9.47 -7.16 -5.50
CA ASP A 101 -10.89 -6.87 -5.63
C ASP A 101 -11.62 -8.10 -6.17
N ILE A 102 -10.95 -8.81 -7.07
CA ILE A 102 -11.53 -10.03 -7.63
C ILE A 102 -11.57 -11.10 -6.54
N MET A 103 -10.46 -11.29 -5.85
CA MET A 103 -10.43 -12.31 -4.82
C MET A 103 -11.45 -12.09 -3.71
N ASP A 104 -11.66 -10.86 -3.29
CA ASP A 104 -12.63 -10.70 -2.24
C ASP A 104 -14.00 -10.26 -2.73
N SER A 105 -14.19 -10.31 -4.05
CA SER A 105 -15.46 -9.94 -4.64
C SER A 105 -15.92 -8.55 -4.25
N SER A 106 -15.06 -7.56 -4.40
CA SER A 106 -15.47 -6.20 -4.04
C SER A 106 -16.35 -5.61 -5.14
N LEU A 107 -17.16 -4.61 -4.79
CA LEU A 107 -18.03 -3.98 -5.78
C LEU A 107 -17.42 -2.70 -6.30
N THR A 108 -16.79 -1.96 -5.41
CA THR A 108 -16.20 -0.70 -5.82
C THR A 108 -14.83 -0.48 -5.21
N ARG A 109 -14.11 0.43 -5.84
CA ARG A 109 -12.76 0.81 -5.44
C ARG A 109 -12.69 2.31 -5.71
N ARG A 110 -12.41 3.10 -4.69
CA ARG A 110 -12.30 4.55 -4.88
C ARG A 110 -13.66 5.06 -5.37
N GLY A 111 -14.73 4.54 -4.78
CA GLY A 111 -16.06 4.95 -5.19
C GLY A 111 -16.42 4.46 -6.59
N GLN A 112 -15.40 4.13 -7.38
CA GLN A 112 -15.60 3.66 -8.75
C GLN A 112 -15.77 2.14 -8.80
N ILE A 113 -16.44 1.65 -9.84
CA ILE A 113 -16.69 0.23 -10.01
C ILE A 113 -15.37 -0.53 -10.23
N CYS A 114 -15.23 -1.69 -9.58
CA CYS A 114 -14.02 -2.47 -9.72
C CYS A 114 -13.86 -2.90 -11.17
N TRP A 115 -12.65 -2.75 -11.68
CA TRP A 115 -12.34 -3.10 -13.05
C TRP A 115 -12.96 -4.42 -13.50
N TYR A 116 -12.79 -5.48 -12.71
CA TYR A 116 -13.34 -6.78 -13.10
C TYR A 116 -14.86 -6.80 -13.15
N GLN A 117 -15.51 -5.89 -12.43
CA GLN A 117 -16.97 -5.80 -12.40
C GLN A 117 -17.49 -5.06 -13.63
N LYS A 118 -16.59 -4.51 -14.43
CA LYS A 118 -17.00 -3.79 -15.64
C LYS A 118 -17.53 -4.77 -16.67
N PRO A 119 -18.61 -4.39 -17.37
CA PRO A 119 -19.19 -5.27 -18.40
C PRO A 119 -18.18 -5.64 -19.48
N GLY A 120 -17.99 -6.93 -19.68
CA GLY A 120 -17.03 -7.40 -20.68
C GLY A 120 -15.64 -7.70 -20.13
N VAL A 121 -15.40 -7.42 -18.85
CA VAL A 121 -14.07 -7.69 -18.29
C VAL A 121 -14.09 -9.01 -17.54
N GLY A 122 -14.80 -9.02 -16.42
CA GLY A 122 -14.90 -10.23 -15.63
C GLY A 122 -13.55 -10.83 -15.25
N LEU A 123 -13.49 -12.15 -15.26
CA LEU A 123 -12.27 -12.83 -14.90
C LEU A 123 -11.08 -12.51 -15.80
N ASP A 124 -11.31 -11.82 -16.92
CA ASP A 124 -10.17 -11.46 -17.76
C ASP A 124 -9.26 -10.49 -16.99
N ALA A 125 -9.79 -9.84 -15.93
CA ALA A 125 -9.01 -8.89 -15.12
C ALA A 125 -7.76 -9.55 -14.52
N ILE A 126 -7.78 -10.88 -14.49
CA ILE A 126 -6.65 -11.66 -13.98
C ILE A 126 -5.49 -11.43 -14.93
N ASN A 127 -5.74 -11.55 -16.23
CA ASN A 127 -4.67 -11.32 -17.18
C ASN A 127 -4.33 -9.81 -17.16
N ASP A 128 -5.32 -8.94 -16.98
CA ASP A 128 -5.05 -7.51 -16.94
C ASP A 128 -4.11 -7.19 -15.76
N ALA A 129 -4.33 -7.83 -14.60
CA ALA A 129 -3.49 -7.61 -13.43
C ALA A 129 -2.04 -8.06 -13.71
N ASN A 130 -1.88 -9.20 -14.37
CA ASN A 130 -0.53 -9.66 -14.70
C ASN A 130 0.20 -8.66 -15.61
N LEU A 131 -0.53 -8.01 -16.53
CA LEU A 131 0.09 -7.03 -17.42
C LEU A 131 0.59 -5.80 -16.68
N LEU A 132 -0.20 -5.32 -15.72
CA LEU A 132 0.20 -4.17 -14.90
C LEU A 132 1.51 -4.54 -14.24
N GLU A 133 1.60 -5.77 -13.76
CA GLU A 133 2.81 -6.23 -13.12
C GLU A 133 3.98 -6.15 -14.12
N ALA A 134 3.79 -6.75 -15.29
CA ALA A 134 4.82 -6.75 -16.34
C ALA A 134 5.30 -5.36 -16.77
N CYS A 135 4.39 -4.39 -16.79
CA CYS A 135 4.75 -3.03 -17.19
C CYS A 135 5.80 -2.44 -16.25
N ILE A 136 5.84 -2.92 -15.01
CA ILE A 136 6.82 -2.44 -14.05
C ILE A 136 8.21 -2.70 -14.62
N TYR A 137 8.43 -3.93 -15.06
CA TYR A 137 9.73 -4.30 -15.57
C TYR A 137 9.99 -3.74 -16.94
N ARG A 138 8.95 -3.51 -17.73
CA ARG A 138 9.16 -2.92 -19.04
C ARG A 138 9.70 -1.49 -18.88
N LEU A 139 9.12 -0.75 -17.93
CA LEU A 139 9.52 0.63 -17.65
C LEU A 139 10.94 0.73 -17.08
N LEU A 140 11.28 -0.19 -16.17
CA LEU A 140 12.61 -0.18 -15.60
C LEU A 140 13.62 -0.40 -16.73
N LYS A 141 13.34 -1.35 -17.62
CA LYS A 141 14.27 -1.62 -18.71
C LYS A 141 14.39 -0.40 -19.61
N LEU A 142 13.25 0.16 -19.99
CA LEU A 142 13.22 1.33 -20.84
C LEU A 142 13.96 2.55 -20.28
N TYR A 143 13.84 2.81 -18.98
CA TYR A 143 14.50 3.97 -18.38
C TYR A 143 15.77 3.74 -17.55
N CYS A 144 15.93 2.58 -16.93
CA CYS A 144 17.10 2.34 -16.08
C CYS A 144 18.00 1.19 -16.53
N ARG A 145 17.83 0.75 -17.77
CA ARG A 145 18.64 -0.34 -18.31
C ARG A 145 20.14 -0.07 -18.15
N GLU A 146 20.55 1.16 -18.44
CA GLU A 146 21.96 1.54 -18.37
C GLU A 146 22.45 2.01 -17.00
N GLN A 147 21.53 2.13 -16.04
CA GLN A 147 21.91 2.57 -14.70
C GLN A 147 22.53 1.43 -13.90
N PRO A 148 23.44 1.76 -12.98
CA PRO A 148 24.14 0.81 -12.12
C PRO A 148 23.28 0.21 -11.02
N TYR A 149 22.10 0.78 -10.82
CA TYR A 149 21.17 0.28 -9.80
C TYR A 149 20.01 -0.49 -10.44
N TYR A 150 20.13 -0.75 -11.75
CA TYR A 150 19.11 -1.47 -12.52
C TYR A 150 18.72 -2.79 -11.86
N LEU A 151 19.68 -3.67 -11.67
CA LEU A 151 19.40 -4.95 -11.07
C LEU A 151 18.86 -4.79 -9.64
N ASN A 152 19.28 -3.74 -8.96
CA ASN A 152 18.82 -3.50 -7.59
C ASN A 152 17.30 -3.27 -7.57
N LEU A 153 16.83 -2.40 -8.43
CA LEU A 153 15.40 -2.08 -8.53
C LEU A 153 14.59 -3.32 -8.94
N ILE A 154 15.10 -4.07 -9.92
CA ILE A 154 14.41 -5.27 -10.36
C ILE A 154 14.23 -6.19 -9.16
N GLU A 155 15.32 -6.50 -8.47
CA GLU A 155 15.23 -7.37 -7.29
C GLU A 155 14.30 -6.82 -6.21
N LEU A 156 14.34 -5.49 -6.01
CA LEU A 156 13.51 -4.85 -5.01
C LEU A 156 12.01 -5.03 -5.34
N PHE A 157 11.63 -4.72 -6.58
CA PHE A 157 10.25 -4.89 -7.01
C PHE A 157 9.80 -6.34 -6.93
N LEU A 158 10.66 -7.26 -7.37
CA LEU A 158 10.33 -8.68 -7.30
C LEU A 158 10.12 -9.09 -5.84
N GLN A 159 11.05 -8.68 -4.95
CA GLN A 159 10.95 -9.01 -3.51
C GLN A 159 9.68 -8.43 -2.88
N SER A 160 9.36 -7.19 -3.22
CA SER A 160 8.16 -6.55 -2.69
C SER A 160 6.92 -7.34 -3.13
N SER A 161 6.89 -7.77 -4.40
CA SER A 161 5.75 -8.54 -4.89
C SER A 161 5.59 -9.82 -4.09
N TYR A 162 6.70 -10.54 -3.94
CA TYR A 162 6.68 -11.79 -3.21
C TYR A 162 6.19 -11.59 -1.76
N GLN A 163 6.71 -10.58 -1.07
CA GLN A 163 6.31 -10.28 0.32
C GLN A 163 4.81 -10.07 0.40
N THR A 164 4.32 -9.18 -0.47
CA THR A 164 2.91 -8.84 -0.54
C THR A 164 2.06 -10.08 -0.80
N GLU A 165 2.51 -10.91 -1.73
CA GLU A 165 1.76 -12.12 -2.04
C GLU A 165 1.74 -13.06 -0.85
N ILE A 166 2.88 -13.21 -0.19
CA ILE A 166 2.97 -14.04 1.00
C ILE A 166 1.99 -13.49 2.03
N GLY A 167 2.05 -12.18 2.25
CA GLY A 167 1.14 -11.58 3.19
C GLY A 167 -0.33 -11.76 2.83
N GLN A 168 -0.64 -11.78 1.53
CA GLN A 168 -2.02 -11.95 1.08
C GLN A 168 -2.45 -13.39 1.35
N THR A 169 -1.52 -14.32 1.18
CA THR A 169 -1.79 -15.73 1.41
C THR A 169 -2.16 -15.89 2.89
N LEU A 170 -1.35 -15.28 3.75
CA LEU A 170 -1.56 -15.35 5.17
C LEU A 170 -2.92 -14.76 5.48
N ASP A 171 -3.24 -13.64 4.83
CA ASP A 171 -4.51 -13.02 5.08
C ASP A 171 -5.69 -13.91 4.67
N LEU A 172 -5.58 -14.56 3.52
CA LEU A 172 -6.63 -15.44 3.01
C LEU A 172 -6.85 -16.63 3.94
N LEU A 173 -5.77 -17.11 4.56
CA LEU A 173 -5.86 -18.22 5.49
C LEU A 173 -6.50 -17.77 6.81
N THR A 174 -6.17 -16.56 7.25
CA THR A 174 -6.67 -16.02 8.51
C THR A 174 -8.16 -15.70 8.54
N ALA A 175 -8.63 -15.01 7.51
CA ALA A 175 -10.03 -14.63 7.41
C ALA A 175 -10.63 -15.16 6.12
N PRO A 176 -10.98 -16.46 6.10
CA PRO A 176 -11.58 -17.11 4.92
C PRO A 176 -12.83 -16.38 4.41
N GLN A 177 -13.47 -16.95 3.41
CA GLN A 177 -14.67 -16.35 2.82
C GLN A 177 -15.93 -16.97 3.43
N GLY A 178 -15.80 -17.55 4.63
CA GLY A 178 -16.94 -18.16 5.29
C GLY A 178 -16.57 -18.82 6.61
N ASN A 179 -15.53 -18.29 7.26
CA ASN A 179 -15.08 -18.80 8.54
C ASN A 179 -14.75 -17.66 9.50
N VAL A 180 -15.74 -17.32 10.31
CA VAL A 180 -15.61 -16.24 11.27
C VAL A 180 -14.80 -16.73 12.48
N ASP A 181 -14.04 -17.80 12.28
CA ASP A 181 -13.24 -18.36 13.36
C ASP A 181 -12.28 -17.32 13.94
N LEU A 182 -12.69 -16.71 15.04
CA LEU A 182 -11.91 -15.67 15.70
C LEU A 182 -10.70 -16.24 16.41
N VAL A 183 -10.53 -17.54 16.35
CA VAL A 183 -9.41 -18.18 17.01
C VAL A 183 -8.06 -17.79 16.44
N ARG A 184 -8.03 -17.49 15.15
CA ARG A 184 -6.76 -17.12 14.51
C ARG A 184 -6.47 -15.63 14.49
N PHE A 185 -7.42 -14.82 14.95
CA PHE A 185 -7.24 -13.38 14.99
C PHE A 185 -6.34 -12.95 16.14
N THR A 186 -5.10 -13.42 16.16
CA THR A 186 -4.16 -13.05 17.21
C THR A 186 -3.36 -11.81 16.80
N GLU A 187 -2.68 -11.20 17.76
CA GLU A 187 -1.89 -10.00 17.49
C GLU A 187 -0.62 -10.34 16.71
N LYS A 188 -0.09 -11.53 16.92
CA LYS A 188 1.10 -11.96 16.21
C LYS A 188 0.77 -12.18 14.73
N ARG A 189 -0.42 -12.70 14.46
CA ARG A 189 -0.85 -12.95 13.09
C ARG A 189 -1.19 -11.63 12.43
N TYR A 190 -1.80 -10.73 13.20
CA TYR A 190 -2.16 -9.42 12.69
C TYR A 190 -0.91 -8.65 12.26
N LYS A 191 0.11 -8.66 13.10
CA LYS A 191 1.32 -7.95 12.78
C LYS A 191 2.01 -8.57 11.58
N SER A 192 1.98 -9.90 11.49
CA SER A 192 2.60 -10.58 10.36
C SER A 192 1.92 -10.20 9.04
N ILE A 193 0.60 -10.14 9.05
CA ILE A 193 -0.17 -9.81 7.86
C ILE A 193 0.14 -8.39 7.37
N VAL A 194 0.12 -7.45 8.30
CA VAL A 194 0.40 -6.04 8.02
C VAL A 194 1.81 -5.84 7.48
N LYS A 195 2.77 -6.54 8.07
CA LYS A 195 4.16 -6.41 7.66
C LYS A 195 4.40 -6.86 6.21
N TYR A 196 3.93 -8.06 5.91
CA TYR A 196 4.10 -8.63 4.59
C TYR A 196 3.16 -8.06 3.54
N LYS A 197 1.88 -7.97 3.88
CA LYS A 197 0.91 -7.49 2.90
C LYS A 197 0.86 -5.97 2.64
N THR A 198 1.25 -5.18 3.63
CA THR A 198 1.18 -3.73 3.48
C THR A 198 2.43 -2.91 3.73
N ALA A 199 3.10 -3.16 4.85
CA ALA A 199 4.27 -2.38 5.22
C ALA A 199 5.43 -2.42 4.25
N PHE A 200 5.82 -3.62 3.83
CA PHE A 200 6.95 -3.73 2.94
C PHE A 200 6.80 -2.93 1.65
N TYR A 201 5.73 -3.15 0.90
CA TYR A 201 5.60 -2.44 -0.38
C TYR A 201 5.16 -0.99 -0.25
N SER A 202 4.46 -0.67 0.83
CA SER A 202 3.97 0.70 1.03
C SER A 202 4.98 1.68 1.61
N PHE A 203 5.84 1.21 2.50
CA PHE A 203 6.79 2.09 3.15
C PHE A 203 8.26 1.83 2.88
N TYR A 204 8.67 0.57 2.89
CA TYR A 204 10.05 0.28 2.57
C TYR A 204 10.30 0.48 1.06
N LEU A 205 9.58 -0.23 0.20
CA LEU A 205 9.78 -0.14 -1.27
C LEU A 205 10.06 1.25 -1.85
N PRO A 206 9.18 2.23 -1.61
CA PRO A 206 9.37 3.60 -2.13
C PRO A 206 10.67 4.26 -1.72
N ILE A 207 10.98 4.22 -0.42
CA ILE A 207 12.21 4.82 0.10
C ILE A 207 13.43 4.03 -0.38
N ALA A 208 13.34 2.70 -0.33
CA ALA A 208 14.43 1.82 -0.75
C ALA A 208 14.80 2.07 -2.21
N ALA A 209 13.79 2.36 -3.02
CA ALA A 209 13.97 2.60 -4.44
C ALA A 209 14.76 3.89 -4.62
N ALA A 210 14.35 4.94 -3.92
CA ALA A 210 15.03 6.23 -3.98
C ALA A 210 16.47 5.99 -3.49
N MET A 211 16.62 5.20 -2.43
CA MET A 211 17.96 4.92 -1.95
C MET A 211 18.85 4.35 -3.05
N TYR A 212 18.45 3.25 -3.67
CA TYR A 212 19.26 2.65 -4.74
C TYR A 212 19.58 3.65 -5.87
N MET A 213 18.58 4.42 -6.27
CA MET A 213 18.78 5.42 -7.32
C MET A 213 19.78 6.46 -6.89
N ALA A 214 19.93 6.63 -5.58
CA ALA A 214 20.86 7.60 -5.05
C ALA A 214 22.22 6.96 -4.77
N GLY A 215 22.35 5.68 -5.13
CA GLY A 215 23.61 4.99 -4.91
C GLY A 215 23.74 4.34 -3.56
N ILE A 216 22.78 4.60 -2.68
CA ILE A 216 22.82 4.00 -1.34
C ILE A 216 22.34 2.57 -1.46
N ASP A 217 23.27 1.68 -1.75
CA ASP A 217 22.95 0.27 -1.92
C ASP A 217 23.42 -0.59 -0.77
N GLY A 218 24.02 0.05 0.24
CA GLY A 218 24.50 -0.68 1.39
C GLY A 218 23.45 -1.54 2.05
N GLU A 219 23.81 -2.75 2.44
CA GLU A 219 22.88 -3.65 3.06
C GLU A 219 22.48 -3.17 4.45
N LYS A 220 23.40 -2.47 5.10
CA LYS A 220 23.15 -1.94 6.44
C LYS A 220 22.21 -0.74 6.34
N GLU A 221 22.49 0.16 5.39
CA GLU A 221 21.65 1.33 5.18
C GLU A 221 20.20 0.90 4.94
N HIS A 222 20.01 -0.14 4.12
CA HIS A 222 18.67 -0.65 3.81
C HIS A 222 18.04 -1.36 4.99
N ALA A 223 18.83 -2.08 5.76
CA ALA A 223 18.30 -2.77 6.92
C ALA A 223 17.88 -1.75 7.97
N ASN A 224 18.64 -0.65 8.12
CA ASN A 224 18.31 0.39 9.09
C ASN A 224 17.03 1.11 8.70
N ALA A 225 16.91 1.42 7.41
CA ALA A 225 15.72 2.10 6.91
C ALA A 225 14.51 1.16 6.99
N LYS A 226 14.73 -0.13 6.75
CA LYS A 226 13.66 -1.11 6.82
C LYS A 226 13.06 -1.16 8.22
N LYS A 227 13.91 -1.14 9.24
CA LYS A 227 13.42 -1.21 10.62
C LYS A 227 12.49 -0.03 10.91
N ILE A 228 12.85 1.16 10.46
CA ILE A 228 12.04 2.35 10.66
C ILE A 228 10.74 2.27 9.88
N LEU A 229 10.85 2.11 8.55
CA LEU A 229 9.69 2.05 7.64
C LEU A 229 8.68 0.93 7.97
N LEU A 230 9.15 -0.25 8.33
CA LEU A 230 8.21 -1.33 8.66
C LEU A 230 7.38 -0.93 9.88
N GLU A 231 8.00 -0.21 10.82
CA GLU A 231 7.30 0.25 12.02
C GLU A 231 6.22 1.29 11.66
N MET A 232 6.55 2.20 10.73
CA MET A 232 5.57 3.20 10.30
C MET A 232 4.42 2.47 9.58
N GLY A 233 4.77 1.46 8.79
CA GLY A 233 3.77 0.69 8.08
C GLY A 233 2.76 0.06 9.01
N GLU A 234 3.25 -0.50 10.11
CA GLU A 234 2.39 -1.15 11.10
C GLU A 234 1.46 -0.13 11.75
N PHE A 235 2.00 1.03 12.13
CA PHE A 235 1.19 2.07 12.73
C PHE A 235 0.15 2.56 11.72
N PHE A 236 0.59 2.79 10.49
CA PHE A 236 -0.30 3.25 9.43
C PHE A 236 -1.55 2.38 9.32
N GLN A 237 -1.34 1.06 9.26
CA GLN A 237 -2.43 0.10 9.12
C GLN A 237 -3.30 -0.02 10.37
N ILE A 238 -2.70 0.16 11.53
CA ILE A 238 -3.46 0.11 12.77
C ILE A 238 -4.34 1.35 12.79
N GLN A 239 -3.77 2.51 12.50
CA GLN A 239 -4.57 3.73 12.50
C GLN A 239 -5.68 3.65 11.44
N ASP A 240 -5.36 3.03 10.30
CA ASP A 240 -6.31 2.85 9.22
C ASP A 240 -7.49 1.99 9.70
N ASP A 241 -7.22 0.94 10.49
CA ASP A 241 -8.29 0.08 11.00
C ASP A 241 -9.17 0.83 11.98
N TYR A 242 -8.56 1.61 12.85
CA TYR A 242 -9.29 2.39 13.84
C TYR A 242 -10.20 3.39 13.13
N LEU A 243 -9.64 4.13 12.17
CA LEU A 243 -10.42 5.11 11.43
C LEU A 243 -11.52 4.49 10.58
N ASP A 244 -11.36 3.23 10.23
CA ASP A 244 -12.33 2.50 9.42
C ASP A 244 -13.68 2.43 10.14
N LEU A 245 -13.65 2.51 11.46
CA LEU A 245 -14.87 2.44 12.26
C LEU A 245 -15.18 3.75 12.99
N PHE A 246 -14.22 4.21 13.79
CA PHE A 246 -14.37 5.43 14.58
C PHE A 246 -13.98 6.69 13.82
N GLY A 247 -13.55 6.52 12.57
CA GLY A 247 -13.16 7.66 11.78
C GLY A 247 -14.37 8.43 11.29
N ASP A 248 -14.12 9.62 10.74
CA ASP A 248 -15.17 10.46 10.22
C ASP A 248 -15.16 10.42 8.70
N PRO A 249 -16.21 9.86 8.09
CA PRO A 249 -16.31 9.75 6.64
C PRO A 249 -16.03 11.06 5.90
N SER A 250 -16.36 12.18 6.53
CA SER A 250 -16.12 13.47 5.89
C SER A 250 -14.63 13.74 5.71
N VAL A 251 -13.83 13.39 6.73
CA VAL A 251 -12.38 13.59 6.70
C VAL A 251 -11.68 12.47 5.93
N THR A 252 -11.97 11.23 6.30
CA THR A 252 -11.36 10.06 5.66
C THR A 252 -11.76 10.01 4.19
N GLY A 253 -13.05 10.14 3.93
CA GLY A 253 -13.55 10.10 2.57
C GLY A 253 -13.99 8.72 2.17
N LYS A 254 -14.52 7.97 3.14
CA LYS A 254 -14.97 6.61 2.89
C LYS A 254 -15.57 5.98 4.13
N ILE A 255 -16.45 5.00 3.92
CA ILE A 255 -17.11 4.31 5.03
C ILE A 255 -16.46 2.95 5.26
N GLY A 256 -16.31 2.58 6.53
CA GLY A 256 -15.67 1.32 6.85
C GLY A 256 -16.60 0.13 6.93
N THR A 257 -16.07 -1.06 6.63
CA THR A 257 -16.85 -2.29 6.68
C THR A 257 -16.02 -3.48 7.14
N ASP A 258 -14.91 -3.23 7.84
CA ASP A 258 -14.07 -4.32 8.31
C ASP A 258 -14.84 -5.32 9.16
N ILE A 259 -15.78 -4.83 9.97
CA ILE A 259 -16.57 -5.71 10.83
C ILE A 259 -17.47 -6.61 9.97
N GLN A 260 -18.12 -6.01 8.97
CA GLN A 260 -19.01 -6.73 8.07
C GLN A 260 -18.24 -7.72 7.18
N ASP A 261 -16.96 -7.46 6.98
CA ASP A 261 -16.15 -8.33 6.14
C ASP A 261 -15.34 -9.36 6.93
N ASN A 262 -15.61 -9.47 8.24
CA ASN A 262 -14.89 -10.41 9.10
C ASN A 262 -13.38 -10.19 8.96
N LYS A 263 -12.97 -8.93 8.81
CA LYS A 263 -11.57 -8.58 8.66
C LYS A 263 -10.79 -8.79 9.95
N CYS A 264 -9.52 -9.14 9.82
CA CYS A 264 -8.67 -9.34 10.98
C CYS A 264 -8.11 -7.97 11.37
N SER A 265 -9.02 -7.05 11.66
CA SER A 265 -8.69 -5.69 12.04
C SER A 265 -7.99 -5.62 13.38
N TRP A 266 -7.25 -4.54 13.60
CA TRP A 266 -6.54 -4.31 14.86
C TRP A 266 -7.57 -4.20 15.98
N LEU A 267 -8.71 -3.61 15.67
CA LEU A 267 -9.77 -3.44 16.66
C LEU A 267 -10.25 -4.79 17.17
N VAL A 268 -10.64 -5.69 16.27
CA VAL A 268 -11.12 -6.99 16.69
C VAL A 268 -10.06 -7.73 17.47
N VAL A 269 -8.80 -7.54 17.11
CA VAL A 269 -7.72 -8.22 17.81
C VAL A 269 -7.64 -7.71 19.25
N GLN A 270 -7.82 -6.40 19.42
CA GLN A 270 -7.78 -5.77 20.74
C GLN A 270 -8.99 -6.20 21.58
N CYS A 271 -10.14 -6.26 20.94
CA CYS A 271 -11.37 -6.68 21.58
C CYS A 271 -11.25 -8.12 22.08
N LEU A 272 -10.63 -8.98 21.28
CA LEU A 272 -10.48 -10.36 21.70
C LEU A 272 -9.62 -10.52 22.95
N GLN A 273 -8.63 -9.65 23.11
CA GLN A 273 -7.75 -9.72 24.27
C GLN A 273 -8.42 -9.10 25.49
N ARG A 274 -9.30 -8.14 25.23
CA ARG A 274 -9.99 -7.44 26.30
C ARG A 274 -11.47 -7.83 26.38
N ALA A 275 -11.75 -9.13 26.40
CA ALA A 275 -13.12 -9.60 26.46
C ALA A 275 -13.29 -10.85 27.31
N THR A 276 -14.28 -10.83 28.19
CA THR A 276 -14.59 -11.94 29.08
C THR A 276 -15.40 -12.98 28.29
N PRO A 277 -15.41 -14.22 28.77
CA PRO A 277 -16.15 -15.32 28.12
C PRO A 277 -17.53 -14.91 27.58
N GLU A 278 -18.20 -14.02 28.31
CA GLU A 278 -19.52 -13.58 27.88
C GLU A 278 -19.42 -12.58 26.74
N GLN A 279 -18.44 -11.69 26.80
CA GLN A 279 -18.25 -10.69 25.76
C GLN A 279 -17.82 -11.34 24.46
N TYR A 280 -17.01 -12.40 24.58
CA TYR A 280 -16.54 -13.12 23.42
C TYR A 280 -17.68 -13.67 22.60
N GLN A 281 -18.67 -14.25 23.27
CA GLN A 281 -19.84 -14.81 22.61
C GLN A 281 -20.60 -13.70 21.89
N ILE A 282 -20.55 -12.50 22.44
CA ILE A 282 -21.24 -11.37 21.84
C ILE A 282 -20.63 -11.03 20.49
N LEU A 283 -19.30 -11.07 20.44
CA LEU A 283 -18.57 -10.77 19.21
C LEU A 283 -18.58 -11.97 18.29
N LYS A 284 -18.50 -13.16 18.89
CA LYS A 284 -18.51 -14.41 18.13
C LYS A 284 -19.86 -14.63 17.46
N GLU A 285 -20.78 -13.69 17.69
CA GLU A 285 -22.13 -13.78 17.14
C GLU A 285 -22.60 -12.45 16.57
N ASN A 286 -21.67 -11.67 16.03
CA ASN A 286 -22.01 -10.37 15.45
C ASN A 286 -20.95 -9.90 14.46
N TYR A 287 -19.77 -10.50 14.52
CA TYR A 287 -18.69 -10.12 13.62
C TYR A 287 -18.87 -10.75 12.24
N GLY A 288 -19.15 -9.90 11.26
CA GLY A 288 -19.35 -10.38 9.91
C GLY A 288 -20.82 -10.46 9.55
N GLN A 289 -21.50 -9.33 9.59
CA GLN A 289 -22.93 -9.28 9.27
C GLN A 289 -23.28 -7.98 8.55
N LYS A 290 -24.17 -8.07 7.56
CA LYS A 290 -24.58 -6.89 6.82
C LYS A 290 -25.61 -6.07 7.57
N GLU A 291 -26.26 -6.67 8.56
CA GLU A 291 -27.26 -5.97 9.37
C GLU A 291 -26.64 -4.77 10.07
N ALA A 292 -27.05 -3.56 9.68
CA ALA A 292 -26.53 -2.34 10.29
C ALA A 292 -26.75 -2.36 11.80
N GLU A 293 -27.71 -3.18 12.21
CA GLU A 293 -28.06 -3.34 13.62
C GLU A 293 -26.99 -4.18 14.33
N LYS A 294 -26.56 -5.25 13.68
CA LYS A 294 -25.55 -6.13 14.24
C LYS A 294 -24.15 -5.52 14.23
N VAL A 295 -23.95 -4.58 13.30
CA VAL A 295 -22.68 -3.89 13.17
C VAL A 295 -22.55 -2.84 14.27
N ALA A 296 -23.59 -2.02 14.41
CA ALA A 296 -23.62 -0.97 15.43
C ALA A 296 -23.46 -1.61 16.80
N ARG A 297 -23.90 -2.86 16.92
CA ARG A 297 -23.79 -3.58 18.17
C ARG A 297 -22.32 -3.84 18.48
N VAL A 298 -21.55 -4.16 17.43
CA VAL A 298 -20.13 -4.44 17.57
C VAL A 298 -19.39 -3.19 18.01
N LYS A 299 -19.62 -2.10 17.27
CA LYS A 299 -19.00 -0.82 17.57
C LYS A 299 -19.26 -0.47 19.02
N ALA A 300 -20.40 -0.93 19.53
CA ALA A 300 -20.78 -0.68 20.90
C ALA A 300 -19.85 -1.42 21.85
N LEU A 301 -19.63 -2.70 21.61
CA LEU A 301 -18.75 -3.48 22.48
C LEU A 301 -17.32 -2.94 22.46
N TYR A 302 -16.96 -2.28 21.37
CA TYR A 302 -15.62 -1.70 21.25
C TYR A 302 -15.49 -0.49 22.16
N GLU A 303 -16.46 0.42 22.05
CA GLU A 303 -16.45 1.62 22.86
C GLU A 303 -16.45 1.26 24.34
N GLU A 304 -17.32 0.31 24.70
CA GLU A 304 -17.40 -0.13 26.08
C GLU A 304 -16.03 -0.57 26.58
N LEU A 305 -15.27 -1.24 25.72
CA LEU A 305 -13.94 -1.69 26.08
C LEU A 305 -12.93 -0.56 25.93
N ASP A 306 -13.43 0.64 25.67
CA ASP A 306 -12.59 1.82 25.51
C ASP A 306 -11.43 1.63 24.54
N LEU A 307 -11.69 0.90 23.45
CA LEU A 307 -10.64 0.67 22.46
C LEU A 307 -10.11 2.00 21.92
N PRO A 308 -10.99 2.99 21.70
CA PRO A 308 -10.52 4.28 21.19
C PRO A 308 -9.46 4.85 22.13
N ALA A 309 -9.65 4.66 23.41
CA ALA A 309 -8.68 5.16 24.38
C ALA A 309 -7.39 4.37 24.17
N VAL A 310 -7.53 3.05 24.04
CA VAL A 310 -6.36 2.20 23.83
C VAL A 310 -5.59 2.65 22.59
N PHE A 311 -6.33 2.96 21.53
CA PHE A 311 -5.73 3.42 20.29
C PHE A 311 -4.97 4.72 20.49
N LEU A 312 -5.61 5.64 21.21
CA LEU A 312 -5.00 6.94 21.51
C LEU A 312 -3.69 6.72 22.27
N GLN A 313 -3.73 5.82 23.24
CA GLN A 313 -2.54 5.51 24.03
C GLN A 313 -1.47 4.90 23.15
N TYR A 314 -1.91 3.98 22.28
CA TYR A 314 -1.00 3.32 21.35
C TYR A 314 -0.40 4.33 20.37
N GLU A 315 -1.21 5.28 19.92
CA GLU A 315 -0.72 6.28 18.97
C GLU A 315 0.44 7.11 19.52
N GLU A 316 0.28 7.60 20.75
CA GLU A 316 1.30 8.40 21.42
C GLU A 316 2.55 7.58 21.64
N ASP A 317 2.38 6.37 22.15
CA ASP A 317 3.54 5.52 22.38
C ASP A 317 4.19 5.18 21.05
N SER A 318 3.37 5.06 20.01
CA SER A 318 3.85 4.74 18.67
C SER A 318 4.68 5.90 18.11
N TYR A 319 4.19 7.13 18.29
CA TYR A 319 4.92 8.31 17.80
C TYR A 319 6.26 8.44 18.51
N SER A 320 6.30 8.06 19.78
CA SER A 320 7.54 8.14 20.54
C SER A 320 8.52 7.10 20.04
N HIS A 321 8.03 5.88 19.88
CA HIS A 321 8.87 4.79 19.41
C HIS A 321 9.47 5.10 18.04
N ILE A 322 8.62 5.54 17.12
CA ILE A 322 9.10 5.83 15.78
C ILE A 322 10.14 6.97 15.81
N MET A 323 9.93 7.98 16.64
CA MET A 323 10.90 9.07 16.72
C MET A 323 12.24 8.55 17.25
N ALA A 324 12.18 7.61 18.19
CA ALA A 324 13.40 7.02 18.74
C ALA A 324 14.10 6.21 17.63
N LEU A 325 13.30 5.49 16.83
CA LEU A 325 13.86 4.70 15.75
C LEU A 325 14.54 5.57 14.70
N ILE A 326 13.94 6.72 14.42
CA ILE A 326 14.49 7.64 13.45
C ILE A 326 15.82 8.20 13.92
N GLU A 327 15.88 8.56 15.19
CA GLU A 327 17.10 9.13 15.73
C GLU A 327 18.24 8.12 15.76
N GLN A 328 17.88 6.86 15.95
CA GLN A 328 18.87 5.80 16.01
C GLN A 328 19.30 5.20 14.67
N TYR A 329 18.36 5.03 13.74
CA TYR A 329 18.68 4.41 12.47
C TYR A 329 18.70 5.26 11.21
N ALA A 330 18.27 6.51 11.30
CA ALA A 330 18.25 7.37 10.11
C ALA A 330 19.63 7.51 9.47
N ALA A 331 20.63 7.89 10.27
CA ALA A 331 21.98 8.09 9.74
C ALA A 331 22.52 6.86 8.99
N PRO A 332 23.27 7.11 7.92
CA PRO A 332 23.65 8.42 7.39
C PRO A 332 22.60 9.16 6.58
N LEU A 333 21.42 8.59 6.42
CA LEU A 333 20.39 9.26 5.64
C LEU A 333 19.85 10.50 6.36
N PRO A 334 19.32 11.47 5.60
CA PRO A 334 18.77 12.70 6.18
C PRO A 334 17.51 12.33 6.95
N PRO A 335 17.45 12.68 8.24
CA PRO A 335 16.27 12.35 9.05
C PRO A 335 14.96 12.85 8.41
N ALA A 336 15.04 13.94 7.67
CA ALA A 336 13.87 14.50 7.00
C ALA A 336 13.15 13.47 6.14
N VAL A 337 13.91 12.59 5.50
CA VAL A 337 13.35 11.55 4.65
C VAL A 337 12.26 10.78 5.39
N PHE A 338 12.55 10.40 6.63
CA PHE A 338 11.62 9.66 7.45
C PHE A 338 10.64 10.56 8.19
N LEU A 339 11.12 11.74 8.58
CA LEU A 339 10.29 12.69 9.32
C LEU A 339 9.18 13.25 8.45
N GLY A 340 9.51 13.53 7.20
CA GLY A 340 8.52 14.06 6.28
C GLY A 340 7.43 13.04 6.07
N LEU A 341 7.81 11.77 5.99
CA LEU A 341 6.85 10.71 5.78
C LEU A 341 6.00 10.47 7.02
N ALA A 342 6.63 10.49 8.20
CA ALA A 342 5.92 10.27 9.46
C ALA A 342 4.89 11.36 9.74
N ARG A 343 5.21 12.59 9.34
CA ARG A 343 4.33 13.72 9.55
C ARG A 343 3.04 13.58 8.75
N LYS A 344 3.13 12.91 7.61
CA LYS A 344 1.97 12.69 6.75
C LYS A 344 1.09 11.55 7.29
N ILE A 345 1.70 10.60 7.99
CA ILE A 345 0.96 9.44 8.53
C ILE A 345 0.36 9.68 9.91
N TYR A 346 1.14 10.24 10.83
CA TYR A 346 0.66 10.49 12.17
C TYR A 346 -0.22 11.73 12.24
N LYS A 347 -1.53 11.51 12.14
CA LYS A 347 -2.52 12.59 12.20
C LYS A 347 -2.22 13.69 11.17
S1 3N4 B . -0.34 11.12 2.72
C2 3N4 B . 0.83 9.80 2.50
C3 3N4 B . 0.32 8.51 2.58
C4 3N4 B . 1.14 7.39 2.34
C5 3N4 B . 2.52 7.61 2.06
C6 3N4 B . 3.04 8.93 2.00
C8 3N4 B . 2.18 10.04 2.23
C10 3N4 B . 3.38 6.53 1.80
C12 3N4 B . 2.85 5.22 1.79
C14 3N4 B . 1.49 5.00 2.08
C16 3N4 B . 0.65 6.06 2.39
C18 3N4 B . -1.14 8.60 2.94
C19 3N4 B . -1.57 9.86 3.10
C21 3N4 B . -2.03 7.36 3.07
C24 3N4 B . -2.68 7.10 1.61
O25 3N4 B . -3.84 7.35 1.38
O26 3N4 B . -1.97 6.60 0.59
P PO4 C . -4.77 4.76 -3.12
O1 PO4 C . -4.45 4.21 -1.78
O2 PO4 C . -6.24 4.78 -3.32
O3 PO4 C . -4.23 6.14 -3.25
O4 PO4 C . -4.16 3.88 -4.17
#